data_5I40
#
_entry.id   5I40
#
_cell.length_a   24.580
_cell.length_b   33.745
_cell.length_c   39.503
_cell.angle_alpha   70.470
_cell.angle_beta   73.320
_cell.angle_gamma   74.520
#
_symmetry.space_group_name_H-M   'P 1'
#
loop_
_entity.id
_entity.type
_entity.pdbx_description
1 polymer 'Bromodomain-containing protein 9'
2 non-polymer 1,2-ETHANEDIOL
3 non-polymer DI(HYDROXYETHYL)ETHER
4 non-polymer 6-methyl-1,6-dihydro-7H-pyrrolo[2,3-c]pyridin-7-one
5 water water
#
_entity_poly.entity_id   1
_entity_poly.type   'polypeptide(L)'
_entity_poly.pdbx_seq_one_letter_code
;STPIQQLLEHFLRQLQRKDPHGFFAFPVTDAIAPGYSMIIKHPMDFGTMKDKIVANEYKSVTEFKADFKLMCDNAMTYNR
PDTVYYKLAKKILHAGFKMMSK
;
_entity_poly.pdbx_strand_id   A
#
# COMPACT_ATOMS: atom_id res chain seq x y z
N SER A 1 7.07 13.28 -16.99
CA SER A 1 7.18 11.98 -16.36
C SER A 1 7.21 10.87 -17.41
N THR A 2 7.65 9.70 -16.99
CA THR A 2 7.86 8.57 -17.88
C THR A 2 6.61 7.73 -18.00
N PRO A 3 6.54 6.85 -19.01
CA PRO A 3 5.41 5.93 -19.08
C PRO A 3 5.19 5.12 -17.81
N ILE A 4 6.26 4.62 -17.18
CA ILE A 4 6.05 3.84 -15.96
CA ILE A 4 6.09 3.85 -15.95
C ILE A 4 5.46 4.72 -14.86
N GLN A 5 5.94 5.95 -14.71
CA GLN A 5 5.38 6.82 -13.69
C GLN A 5 3.89 7.06 -13.94
N GLN A 6 3.51 7.28 -15.20
CA GLN A 6 2.10 7.51 -15.51
CA GLN A 6 2.11 7.52 -15.50
C GLN A 6 1.25 6.29 -15.20
N LEU A 7 1.74 5.10 -15.54
CA LEU A 7 0.98 3.89 -15.23
C LEU A 7 0.85 3.69 -13.73
N LEU A 8 1.95 3.89 -12.99
CA LEU A 8 1.91 3.68 -11.56
C LEU A 8 1.01 4.70 -10.87
N GLU A 9 1.00 5.96 -11.34
CA GLU A 9 0.07 6.93 -10.78
C GLU A 9 -1.37 6.47 -11.00
N HIS A 10 -1.66 5.91 -12.16
CA HIS A 10 -2.99 5.38 -12.44
C HIS A 10 -3.32 4.22 -11.50
N PHE A 11 -2.43 3.24 -11.39
CA PHE A 11 -2.68 2.13 -10.46
C PHE A 11 -2.85 2.65 -9.04
N LEU A 12 -2.01 3.59 -8.60
CA LEU A 12 -2.11 4.08 -7.24
C LEU A 12 -3.47 4.74 -6.99
N ARG A 13 -3.94 5.56 -7.94
CA ARG A 13 -5.25 6.19 -7.79
CA ARG A 13 -5.25 6.18 -7.77
C ARG A 13 -6.33 5.13 -7.63
N GLN A 14 -6.27 4.08 -8.45
CA GLN A 14 -7.29 3.04 -8.40
C GLN A 14 -7.21 2.23 -7.10
N LEU A 15 -5.98 1.98 -6.62
CA LEU A 15 -5.83 1.28 -5.34
C LEU A 15 -6.36 2.11 -4.18
N GLN A 16 -6.09 3.41 -4.17
CA GLN A 16 -6.55 4.24 -3.06
C GLN A 16 -8.06 4.35 -3.02
N ARG A 17 -8.73 4.24 -4.17
CA ARG A 17 -10.18 4.21 -4.17
C ARG A 17 -10.73 3.03 -3.37
N LYS A 18 -9.95 1.96 -3.23
CA LYS A 18 -10.35 0.81 -2.44
C LYS A 18 -10.14 1.00 -0.95
N ASP A 19 -9.56 2.13 -0.55
CA ASP A 19 -9.33 2.49 0.85
C ASP A 19 -9.97 3.86 1.08
N PRO A 20 -11.30 3.93 1.00
CA PRO A 20 -11.96 5.26 1.07
C PRO A 20 -11.75 5.98 2.39
N HIS A 21 -11.50 5.26 3.49
CA HIS A 21 -11.20 5.91 4.77
C HIS A 21 -9.78 6.42 4.87
N GLY A 22 -8.90 6.05 3.93
CA GLY A 22 -7.51 6.47 4.04
C GLY A 22 -6.75 5.80 5.16
N PHE A 23 -7.12 4.58 5.53
CA PHE A 23 -6.36 3.86 6.56
C PHE A 23 -4.92 3.60 6.11
N PHE A 24 -4.70 3.51 4.80
CA PHE A 24 -3.38 3.22 4.22
C PHE A 24 -2.76 4.44 3.57
N ALA A 25 -3.33 5.63 3.80
CA ALA A 25 -2.91 6.82 3.08
C ALA A 25 -1.56 7.36 3.52
N PHE A 26 -1.19 7.17 4.78
CA PHE A 26 -0.01 7.77 5.37
C PHE A 26 0.68 6.73 6.24
N PRO A 27 1.96 6.93 6.56
CA PRO A 27 2.65 5.97 7.44
C PRO A 27 1.90 5.79 8.76
N VAL A 28 1.85 4.54 9.24
CA VAL A 28 1.27 4.26 10.55
C VAL A 28 2.18 4.82 11.64
N THR A 29 1.62 5.63 12.53
CA THR A 29 2.38 6.16 13.63
C THR A 29 2.24 5.29 14.86
N ASP A 30 3.27 5.31 15.72
CA ASP A 30 3.17 4.57 16.97
C ASP A 30 2.06 5.11 17.86
N ALA A 31 1.75 6.40 17.72
CA ALA A 31 0.68 6.99 18.52
C ALA A 31 -0.66 6.31 18.25
N ILE A 32 -0.94 5.97 17.00
CA ILE A 32 -2.20 5.30 16.70
C ILE A 32 -2.10 3.78 16.76
N ALA A 33 -0.89 3.23 16.64
CA ALA A 33 -0.67 1.79 16.66
C ALA A 33 0.50 1.52 17.59
N PRO A 34 0.25 1.34 18.89
CA PRO A 34 1.35 1.23 19.85
C PRO A 34 2.38 0.19 19.43
N GLY A 35 3.66 0.56 19.55
CA GLY A 35 4.76 -0.33 19.27
C GLY A 35 4.97 -0.67 17.80
N TYR A 36 4.25 -0.02 16.89
CA TYR A 36 4.29 -0.41 15.48
C TYR A 36 5.71 -0.46 14.93
N SER A 37 6.48 0.61 15.15
CA SER A 37 7.81 0.70 14.57
C SER A 37 8.77 -0.35 15.12
N MET A 38 8.49 -0.90 16.29
CA MET A 38 9.30 -1.94 16.90
CA MET A 38 9.32 -1.94 16.87
C MET A 38 8.91 -3.34 16.43
N ILE A 39 7.78 -3.45 15.72
CA ILE A 39 7.27 -4.74 15.25
C ILE A 39 7.42 -4.88 13.74
N ILE A 40 7.14 -3.82 13.00
CA ILE A 40 7.14 -3.84 11.54
C ILE A 40 8.46 -3.25 11.07
N LYS A 41 9.30 -4.09 10.46
CA LYS A 41 10.65 -3.68 10.08
C LYS A 41 10.69 -2.81 8.84
N HIS A 42 9.75 -2.98 7.91
CA HIS A 42 9.75 -2.27 6.64
C HIS A 42 8.36 -1.69 6.42
N PRO A 43 8.05 -0.58 7.07
CA PRO A 43 6.72 0.03 6.90
C PRO A 43 6.50 0.50 5.48
N MET A 44 5.23 0.50 5.06
CA MET A 44 4.87 1.04 3.76
C MET A 44 3.45 1.56 3.82
N ASP A 45 3.14 2.51 2.93
CA ASP A 45 1.82 3.13 2.86
C ASP A 45 1.69 3.78 1.49
N PHE A 46 0.45 4.14 1.12
CA PHE A 46 0.21 4.71 -0.21
C PHE A 46 0.90 6.07 -0.39
N GLY A 47 1.03 6.86 0.67
CA GLY A 47 1.66 8.17 0.53
C GLY A 47 3.15 8.05 0.23
N THR A 48 3.82 7.11 0.89
CA THR A 48 5.21 6.81 0.57
C THR A 48 5.33 6.28 -0.85
N MET A 49 4.39 5.42 -1.27
CA MET A 49 4.39 4.94 -2.65
C MET A 49 4.28 6.09 -3.64
N LYS A 50 3.39 7.05 -3.37
CA LYS A 50 3.29 8.22 -4.24
C LYS A 50 4.62 8.95 -4.34
N ASP A 51 5.27 9.19 -3.19
CA ASP A 51 6.55 9.87 -3.21
C ASP A 51 7.59 9.09 -4.01
N LYS A 52 7.56 7.77 -3.91
CA LYS A 52 8.49 6.96 -4.69
C LYS A 52 8.22 7.06 -6.18
N ILE A 53 6.95 7.11 -6.59
CA ILE A 53 6.65 7.35 -8.01
C ILE A 53 7.22 8.69 -8.46
N VAL A 54 6.93 9.74 -7.70
CA VAL A 54 7.36 11.09 -8.08
C VAL A 54 8.88 11.15 -8.17
N ALA A 55 9.59 10.46 -7.27
CA ALA A 55 11.04 10.39 -7.29
C ALA A 55 11.57 9.44 -8.35
N ASN A 56 10.69 8.75 -9.07
CA ASN A 56 11.07 7.78 -10.11
C ASN A 56 11.88 6.62 -9.54
N GLU A 57 11.55 6.20 -8.31
CA GLU A 57 12.27 5.11 -7.67
C GLU A 57 11.78 3.74 -8.10
N TYR A 58 10.58 3.62 -8.65
CA TYR A 58 10.10 2.34 -9.16
C TYR A 58 10.58 2.19 -10.60
N LYS A 59 11.42 1.19 -10.83
CA LYS A 59 11.93 0.93 -12.17
C LYS A 59 11.17 -0.18 -12.88
N SER A 60 10.22 -0.81 -12.20
CA SER A 60 9.35 -1.79 -12.82
C SER A 60 8.02 -1.80 -12.08
N VAL A 61 6.99 -2.28 -12.78
CA VAL A 61 5.70 -2.50 -12.15
C VAL A 61 5.83 -3.50 -11.02
N THR A 62 6.68 -4.51 -11.20
CA THR A 62 6.90 -5.52 -10.15
C THR A 62 7.32 -4.88 -8.83
N GLU A 63 8.23 -3.90 -8.88
CA GLU A 63 8.65 -3.25 -7.64
C GLU A 63 7.50 -2.52 -6.96
N PHE A 64 6.66 -1.86 -7.74
CA PHE A 64 5.49 -1.17 -7.19
C PHE A 64 4.54 -2.16 -6.53
N LYS A 65 4.25 -3.27 -7.22
CA LYS A 65 3.37 -4.29 -6.65
C LYS A 65 3.94 -4.85 -5.37
N ALA A 66 5.27 -5.01 -5.29
CA ALA A 66 5.87 -5.53 -4.07
C ALA A 66 5.68 -4.58 -2.89
N ASP A 67 5.76 -3.27 -3.12
CA ASP A 67 5.47 -2.32 -2.04
C ASP A 67 4.02 -2.38 -1.62
N PHE A 68 3.10 -2.49 -2.58
CA PHE A 68 1.69 -2.63 -2.24
C PHE A 68 1.47 -3.87 -1.39
N LYS A 69 2.05 -4.99 -1.79
CA LYS A 69 1.91 -6.22 -1.02
C LYS A 69 2.53 -6.08 0.37
N LEU A 70 3.70 -5.43 0.45
CA LEU A 70 4.35 -5.19 1.73
C LEU A 70 3.42 -4.44 2.68
N MET A 71 2.79 -3.38 2.18
CA MET A 71 1.84 -2.60 2.97
CA MET A 71 1.85 -2.61 2.98
C MET A 71 0.75 -3.50 3.54
N CYS A 72 0.19 -4.37 2.69
CA CYS A 72 -0.90 -5.23 3.13
C CYS A 72 -0.40 -6.30 4.10
N ASP A 73 0.76 -6.91 3.79
CA ASP A 73 1.32 -7.91 4.68
C ASP A 73 1.62 -7.33 6.05
N ASN A 74 2.14 -6.09 6.09
CA ASN A 74 2.40 -5.45 7.38
C ASN A 74 1.13 -5.37 8.22
N ALA A 75 0.01 -4.97 7.58
CA ALA A 75 -1.24 -4.85 8.31
C ALA A 75 -1.74 -6.20 8.79
N MET A 76 -1.49 -7.26 8.02
CA MET A 76 -1.89 -8.60 8.41
C MET A 76 -0.94 -9.26 9.39
N THR A 77 0.19 -8.61 9.70
CA THR A 77 1.13 -9.06 10.70
C THR A 77 0.95 -8.34 12.03
N TYR A 78 0.79 -7.01 11.98
CA TYR A 78 0.68 -6.23 13.20
C TYR A 78 -0.69 -6.38 13.84
N ASN A 79 -1.75 -6.42 13.03
CA ASN A 79 -3.12 -6.43 13.53
C ASN A 79 -3.65 -7.85 13.63
N ARG A 80 -4.55 -8.06 14.60
CA ARG A 80 -5.23 -9.33 14.72
C ARG A 80 -6.26 -9.47 13.60
N PRO A 81 -6.63 -10.71 13.25
CA PRO A 81 -7.59 -10.90 12.14
C PRO A 81 -8.92 -10.21 12.35
N ASP A 82 -9.37 -10.05 13.59
CA ASP A 82 -10.66 -9.41 13.85
C ASP A 82 -10.52 -7.91 14.04
N THR A 83 -9.84 -7.25 13.09
CA THR A 83 -9.72 -5.80 13.07
C THR A 83 -10.07 -5.29 11.69
N VAL A 84 -10.49 -4.02 11.65
CA VAL A 84 -10.81 -3.41 10.37
CA VAL A 84 -10.80 -3.37 10.38
C VAL A 84 -9.59 -3.39 9.46
N TYR A 85 -8.41 -3.15 10.03
CA TYR A 85 -7.19 -3.02 9.23
C TYR A 85 -6.78 -4.34 8.60
N TYR A 86 -6.82 -5.42 9.37
CA TYR A 86 -6.50 -6.73 8.82
C TYR A 86 -7.46 -7.09 7.68
N LYS A 87 -8.75 -6.93 7.94
CA LYS A 87 -9.76 -7.31 6.96
C LYS A 87 -9.61 -6.51 5.68
N LEU A 88 -9.39 -5.20 5.78
CA LEU A 88 -9.25 -4.39 4.58
C LEU A 88 -7.96 -4.73 3.84
N ALA A 89 -6.87 -4.94 4.58
CA ALA A 89 -5.61 -5.32 3.95
C ALA A 89 -5.77 -6.56 3.09
N LYS A 90 -6.44 -7.58 3.63
CA LYS A 90 -6.61 -8.81 2.88
C LYS A 90 -7.47 -8.57 1.65
N LYS A 91 -8.58 -7.84 1.82
CA LYS A 91 -9.49 -7.56 0.71
C LYS A 91 -8.78 -6.79 -0.39
N ILE A 92 -8.06 -5.72 -0.03
CA ILE A 92 -7.47 -4.90 -1.08
CA ILE A 92 -7.42 -4.84 -1.01
C ILE A 92 -6.24 -5.52 -1.67
N LEU A 93 -5.53 -6.39 -0.94
CA LEU A 93 -4.41 -7.11 -1.54
C LEU A 93 -4.89 -7.90 -2.75
N HIS A 94 -5.95 -8.68 -2.56
CA HIS A 94 -6.46 -9.49 -3.67
C HIS A 94 -7.09 -8.63 -4.74
N ALA A 95 -7.93 -7.68 -4.35
CA ALA A 95 -8.62 -6.86 -5.34
C ALA A 95 -7.65 -5.98 -6.11
N GLY A 96 -6.60 -5.51 -5.42
CA GLY A 96 -5.63 -4.64 -6.07
C GLY A 96 -4.79 -5.36 -7.10
N PHE A 97 -4.30 -6.57 -6.75
CA PHE A 97 -3.58 -7.35 -7.75
C PHE A 97 -4.49 -7.71 -8.94
N LYS A 98 -5.76 -8.04 -8.67
CA LYS A 98 -6.68 -8.30 -9.77
C LYS A 98 -6.81 -7.08 -10.68
N MET A 99 -6.96 -5.90 -10.09
CA MET A 99 -7.11 -4.68 -10.87
CA MET A 99 -7.13 -4.71 -10.90
C MET A 99 -5.91 -4.44 -11.77
N MET A 100 -4.71 -4.71 -11.24
CA MET A 100 -3.47 -4.47 -11.98
C MET A 100 -3.17 -5.57 -12.99
N SER A 101 -3.89 -6.69 -12.95
CA SER A 101 -3.69 -7.80 -13.88
C SER A 101 -4.55 -7.69 -15.13
N LYS A 102 -5.58 -6.84 -15.10
CA LYS A 102 -6.47 -6.65 -16.25
C LYS A 102 -7.64 -5.74 -15.85
#